data_1TLZ
#
_entry.id   1TLZ
#
_cell.length_a   149.861
_cell.length_b   149.861
_cell.length_c   120.849
_cell.angle_alpha   90.00
_cell.angle_beta   90.00
_cell.angle_gamma   120.00
#
_symmetry.space_group_name_H-M   'P 32 2 1'
#
loop_
_entity.id
_entity.type
_entity.pdbx_description
1 polymer 'Nucleoside-specific channel-forming protein tsx'
2 non-polymer URIDINE
3 water water
#
_entity_poly.entity_id   1
_entity_poly.type   'polypeptide(L)'
_entity_poly.pdbx_seq_one_letter_code
;AENDKPQYLSDWWHQSVNVVGSYHTRFGPQIRNDTYLEYEAFAKKDWFDFYGYADAPVFFGGNSDAKGIWNHGSPLFMEI
EPRFSIDKLTNTDLSFGPFKEWYFANNYIYDMGRNKDGRQSTWYMGLGTDIDTGLPMSLSMNVYAKYQWQNYGAANENEW
DGYRFKIKYFVPITDLWGGQLSYIGFTNFDWGSDLGDDSGNAINGIKTRTNNSIASSHILALNYDHWHYSVVARYWHDGG
QWNDDAELNFGNGNFNVRSTGWGGYLVVGYNFHHHHHH
;
_entity_poly.pdbx_strand_id   A,B
#
loop_
_chem_comp.id
_chem_comp.type
_chem_comp.name
_chem_comp.formula
URI non-polymer URIDINE 'C9 H12 N2 O6'
#
# COMPACT_ATOMS: atom_id res chain seq x y z
N LEU A 9 -12.97 6.09 28.89
CA LEU A 9 -13.32 4.69 29.29
C LEU A 9 -12.59 3.67 28.44
N SER A 10 -12.05 2.65 29.10
CA SER A 10 -11.31 1.58 28.46
C SER A 10 -11.98 1.02 27.21
N ASP A 11 -13.31 1.04 27.19
CA ASP A 11 -14.08 0.50 26.07
C ASP A 11 -13.68 1.09 24.72
N TRP A 12 -13.68 2.41 24.64
CA TRP A 12 -13.36 3.12 23.41
C TRP A 12 -12.10 3.98 23.48
N TRP A 13 -11.89 4.67 24.59
CA TRP A 13 -10.74 5.53 24.79
C TRP A 13 -9.50 4.75 25.26
N HIS A 14 -8.46 4.70 24.44
CA HIS A 14 -7.23 3.98 24.78
C HIS A 14 -6.07 4.92 25.00
N GLN A 15 -5.39 4.78 26.14
CA GLN A 15 -4.25 5.62 26.45
C GLN A 15 -2.95 4.84 26.63
N SER A 16 -1.84 5.56 26.54
CA SER A 16 -0.54 4.95 26.68
C SER A 16 0.56 5.99 26.89
N VAL A 17 1.55 5.63 27.70
CA VAL A 17 2.68 6.50 27.96
C VAL A 17 3.85 5.69 27.43
N ASN A 18 4.72 6.33 26.66
CA ASN A 18 5.84 5.61 26.07
C ASN A 18 7.13 6.38 26.20
N VAL A 19 8.22 5.69 25.93
CA VAL A 19 9.55 6.29 25.93
C VAL A 19 9.99 6.12 24.47
N VAL A 20 10.50 7.18 23.85
CA VAL A 20 10.88 7.04 22.46
C VAL A 20 12.29 7.51 22.19
N GLY A 21 13.02 6.71 21.44
CA GLY A 21 14.36 7.08 21.06
C GLY A 21 14.29 7.19 19.55
N SER A 22 14.85 8.24 18.98
CA SER A 22 14.82 8.40 17.54
C SER A 22 16.22 8.48 16.99
N TYR A 23 16.35 8.31 15.69
CA TYR A 23 17.67 8.35 15.08
C TYR A 23 17.63 8.78 13.61
N HIS A 24 18.27 9.91 13.32
CA HIS A 24 18.32 10.42 11.96
C HIS A 24 16.98 10.93 11.47
N THR A 25 16.31 11.68 12.34
CA THR A 25 15.03 12.32 12.11
C THR A 25 15.23 13.42 11.08
N ARG A 26 14.24 13.65 10.19
CA ARG A 26 14.42 14.66 9.17
C ARG A 26 13.38 15.76 8.96
N PHE A 27 12.70 16.15 10.03
CA PHE A 27 11.71 17.23 9.91
C PHE A 27 12.38 18.62 9.90
N GLY A 28 13.59 18.76 10.44
CA GLY A 28 14.25 20.06 10.47
C GLY A 28 15.50 20.21 9.60
N PRO A 29 16.19 21.37 9.63
CA PRO A 29 17.40 21.67 8.85
C PRO A 29 18.58 20.76 9.12
N GLN A 30 18.73 20.35 10.38
CA GLN A 30 19.82 19.48 10.76
C GLN A 30 19.26 18.19 11.34
N ILE A 31 19.96 17.09 11.06
CA ILE A 31 19.56 15.79 11.52
C ILE A 31 19.51 15.75 13.05
N ARG A 32 18.57 14.98 13.58
CA ARG A 32 18.43 14.86 15.01
C ARG A 32 18.18 13.45 15.42
N ASN A 33 18.53 13.15 16.67
CA ASN A 33 18.38 11.84 17.30
C ASN A 33 17.95 12.27 18.68
N ASP A 34 16.74 11.95 19.09
CA ASP A 34 16.30 12.38 20.41
C ASP A 34 15.59 11.29 21.15
N THR A 35 15.37 11.52 22.43
CA THR A 35 14.65 10.56 23.26
C THR A 35 13.64 11.42 23.98
N TYR A 36 12.52 10.85 24.37
CA TYR A 36 11.53 11.64 25.04
C TYR A 36 10.32 10.83 25.50
N LEU A 37 9.51 11.44 26.35
CA LEU A 37 8.32 10.77 26.83
C LEU A 37 7.19 11.06 25.85
N GLU A 38 6.18 10.21 25.84
CA GLU A 38 5.08 10.44 24.93
C GLU A 38 3.76 9.90 25.43
N TYR A 39 2.71 10.68 25.23
CA TYR A 39 1.37 10.29 25.61
C TYR A 39 0.63 10.03 24.32
N GLU A 40 -0.05 8.88 24.26
CA GLU A 40 -0.82 8.48 23.08
C GLU A 40 -2.24 8.24 23.48
N ALA A 41 -3.13 8.39 22.51
CA ALA A 41 -4.55 8.17 22.73
C ALA A 41 -5.22 7.90 21.39
N PHE A 42 -6.01 6.83 21.36
CA PHE A 42 -6.76 6.41 20.18
C PHE A 42 -8.19 6.26 20.66
N ALA A 43 -9.16 6.49 19.77
CA ALA A 43 -10.56 6.35 20.14
C ALA A 43 -11.44 6.17 18.91
N LYS A 44 -12.57 5.50 19.09
CA LYS A 44 -13.54 5.23 18.03
C LYS A 44 -14.92 5.08 18.67
N LYS A 45 -15.82 6.02 18.39
CA LYS A 45 -17.15 5.99 18.98
C LYS A 45 -18.19 6.45 17.98
N ASP A 46 -18.88 5.48 17.37
CA ASP A 46 -19.91 5.69 16.36
C ASP A 46 -19.81 6.91 15.45
N TRP A 47 -19.82 8.14 15.96
CA TRP A 47 -19.72 9.28 15.07
C TRP A 47 -18.34 9.94 15.01
N PHE A 48 -17.39 9.43 15.78
CA PHE A 48 -16.07 10.02 15.78
C PHE A 48 -14.90 9.10 16.13
N ASP A 49 -13.82 9.19 15.37
CA ASP A 49 -12.63 8.39 15.66
C ASP A 49 -11.49 9.37 15.86
N PHE A 50 -10.53 9.02 16.70
CA PHE A 50 -9.44 9.93 16.99
C PHE A 50 -8.13 9.32 17.35
N TYR A 51 -7.06 9.94 16.89
CA TYR A 51 -5.74 9.49 17.24
C TYR A 51 -4.91 10.73 17.48
N GLY A 52 -3.98 10.65 18.41
CA GLY A 52 -3.13 11.80 18.67
C GLY A 52 -2.05 11.40 19.64
N TYR A 53 -1.03 12.26 19.75
CA TYR A 53 0.08 12.00 20.65
C TYR A 53 0.76 13.31 21.07
N ALA A 54 1.36 13.30 22.25
CA ALA A 54 2.09 14.46 22.76
C ALA A 54 3.48 13.99 23.20
N ASP A 55 4.50 14.69 22.71
CA ASP A 55 5.88 14.37 23.03
C ASP A 55 6.50 15.44 23.92
N ALA A 56 7.31 15.01 24.87
CA ALA A 56 7.98 15.90 25.78
C ALA A 56 9.38 15.38 26.05
N PRO A 57 10.35 16.29 26.23
CA PRO A 57 11.76 16.02 26.49
C PRO A 57 12.08 14.98 27.54
N VAL A 58 13.16 14.24 27.26
CA VAL A 58 13.70 13.15 28.08
C VAL A 58 12.79 12.66 29.20
N PRO A 75 10.08 20.97 24.34
CA PRO A 75 9.27 21.18 25.55
C PRO A 75 7.91 20.51 25.44
N LEU A 76 7.27 20.70 24.30
CA LEU A 76 5.97 20.09 24.04
C LEU A 76 5.62 20.10 22.55
N PHE A 77 5.40 18.91 21.98
CA PHE A 77 5.03 18.75 20.58
C PHE A 77 3.82 17.84 20.59
N MET A 78 2.75 18.21 19.91
CA MET A 78 1.61 17.31 19.89
C MET A 78 0.93 17.35 18.55
N GLU A 79 0.42 16.20 18.14
CA GLU A 79 -0.25 16.06 16.86
C GLU A 79 -1.52 15.27 17.12
N ILE A 80 -2.65 15.83 16.71
CA ILE A 80 -3.91 15.16 16.90
C ILE A 80 -4.53 14.97 15.55
N GLU A 81 -5.36 13.93 15.46
CA GLU A 81 -6.06 13.55 14.25
C GLU A 81 -7.51 13.25 14.59
N PRO A 82 -8.34 14.28 14.75
CA PRO A 82 -9.73 13.92 15.06
C PRO A 82 -10.58 13.95 13.78
N ARG A 83 -11.43 12.95 13.63
CA ARG A 83 -12.33 12.87 12.48
C ARG A 83 -13.78 12.69 12.91
N PHE A 84 -14.69 13.33 12.18
CA PHE A 84 -16.11 13.24 12.49
C PHE A 84 -16.83 12.61 11.31
N SER A 85 -17.68 11.63 11.61
CA SER A 85 -18.43 10.91 10.60
C SER A 85 -19.54 11.73 9.99
N ILE A 86 -19.40 12.02 8.70
CA ILE A 86 -20.40 12.77 7.99
C ILE A 86 -21.63 11.88 7.97
N ASP A 87 -21.44 10.59 7.69
CA ASP A 87 -22.55 9.65 7.70
C ASP A 87 -23.31 9.78 9.01
N LYS A 88 -22.71 9.29 10.09
CA LYS A 88 -23.35 9.35 11.40
C LYS A 88 -24.04 10.67 11.69
N LEU A 89 -23.32 11.77 11.57
CA LEU A 89 -23.89 13.07 11.87
C LEU A 89 -24.99 13.49 10.88
N THR A 90 -24.84 13.14 9.60
CA THR A 90 -25.83 13.46 8.57
C THR A 90 -26.92 12.41 8.61
N ASN A 91 -26.62 11.30 9.27
CA ASN A 91 -27.55 10.20 9.39
C ASN A 91 -28.04 9.84 7.98
N THR A 92 -27.08 9.61 7.09
CA THR A 92 -27.36 9.28 5.70
C THR A 92 -26.28 8.38 5.12
N ASP A 93 -26.50 7.07 5.11
CA ASP A 93 -25.55 6.11 4.57
C ASP A 93 -24.88 6.60 3.27
N LEU A 94 -23.78 7.32 3.42
CA LEU A 94 -23.05 7.85 2.27
C LEU A 94 -22.18 6.77 1.69
N SER A 95 -22.25 5.57 2.25
CA SER A 95 -21.48 4.44 1.77
C SER A 95 -21.54 4.30 0.25
N PHE A 96 -20.44 3.88 -0.35
CA PHE A 96 -20.38 3.73 -1.80
C PHE A 96 -19.09 3.07 -2.25
N GLY A 97 -19.21 2.04 -3.08
CA GLY A 97 -18.04 1.34 -3.54
C GLY A 97 -17.30 0.74 -2.36
N PRO A 98 -15.97 0.85 -2.32
CA PRO A 98 -15.15 0.32 -1.22
C PRO A 98 -15.21 1.26 -0.04
N PHE A 99 -15.75 2.46 -0.28
CA PHE A 99 -15.85 3.48 0.74
C PHE A 99 -16.95 3.20 1.75
N LYS A 100 -16.56 2.73 2.93
CA LYS A 100 -17.50 2.41 4.00
C LYS A 100 -18.11 3.62 4.69
N GLU A 101 -17.30 4.64 4.91
CA GLU A 101 -17.77 5.83 5.62
C GLU A 101 -17.01 7.07 5.16
N TRP A 102 -17.60 8.25 5.37
CA TRP A 102 -16.93 9.50 5.02
C TRP A 102 -16.80 10.38 6.26
N TYR A 103 -15.72 11.16 6.30
CA TYR A 103 -15.45 12.00 7.47
C TYR A 103 -14.99 13.42 7.21
N PHE A 104 -15.23 14.27 8.20
CA PHE A 104 -14.73 15.63 8.18
C PHE A 104 -13.42 15.32 8.93
N ALA A 105 -12.31 15.27 8.20
CA ALA A 105 -11.02 14.93 8.79
C ALA A 105 -10.09 16.10 9.15
N ASN A 106 -9.38 15.94 10.27
CA ASN A 106 -8.44 16.95 10.73
C ASN A 106 -7.08 16.42 11.21
N ASN A 107 -6.01 17.07 10.76
CA ASN A 107 -4.66 16.72 11.16
C ASN A 107 -4.04 18.04 11.65
N TYR A 108 -3.99 18.20 12.97
CA TYR A 108 -3.45 19.41 13.57
C TYR A 108 -2.17 19.18 14.35
N ILE A 109 -1.13 19.90 13.95
CA ILE A 109 0.20 19.81 14.57
C ILE A 109 0.56 21.10 15.32
N TYR A 110 1.00 20.94 16.56
CA TYR A 110 1.39 22.05 17.41
C TYR A 110 2.74 21.79 18.08
N ASP A 111 3.64 22.75 17.95
CA ASP A 111 4.97 22.66 18.53
C ASP A 111 5.13 23.91 19.38
N MET A 112 5.32 23.74 20.68
CA MET A 112 5.45 24.89 21.58
C MET A 112 6.77 25.65 21.42
N GLY A 113 7.84 24.94 21.08
CA GLY A 113 9.12 25.60 20.90
C GLY A 113 9.69 26.32 22.11
N ARG A 114 10.94 26.77 22.00
CA ARG A 114 11.61 27.47 23.10
C ARG A 114 11.33 28.97 23.06
N ASN A 115 10.76 29.43 21.94
CA ASN A 115 10.41 30.83 21.74
C ASN A 115 9.03 30.82 21.14
N LYS A 116 8.21 31.84 21.40
CA LYS A 116 6.90 31.85 20.78
C LYS A 116 7.25 32.07 19.31
N ASP A 117 8.54 32.28 19.07
CA ASP A 117 9.06 32.48 17.73
C ASP A 117 9.17 31.17 16.96
N GLY A 118 10.05 30.29 17.44
CA GLY A 118 10.27 29.00 16.81
C GLY A 118 9.23 27.96 17.15
N ARG A 119 7.96 28.30 16.95
CA ARG A 119 6.86 27.40 17.22
C ARG A 119 6.02 27.15 15.97
N GLN A 120 5.07 26.23 16.07
CA GLN A 120 4.24 25.87 14.94
C GLN A 120 2.81 25.51 15.29
N SER A 121 1.89 25.96 14.46
CA SER A 121 0.47 25.61 14.64
C SER A 121 -0.05 25.33 13.24
N THR A 122 -0.30 24.06 12.95
CA THR A 122 -0.75 23.68 11.61
C THR A 122 -2.06 22.93 11.57
N TRP A 123 -3.02 23.48 10.84
CA TRP A 123 -4.33 22.85 10.75
C TRP A 123 -4.72 22.33 9.37
N TYR A 124 -4.80 21.00 9.27
CA TYR A 124 -5.20 20.33 8.04
C TYR A 124 -6.65 19.93 8.26
N MET A 125 -7.50 20.25 7.30
CA MET A 125 -8.93 19.93 7.36
C MET A 125 -9.37 19.50 5.97
N GLY A 126 -10.26 18.53 5.92
CA GLY A 126 -10.71 18.05 4.63
C GLY A 126 -11.65 16.88 4.70
N LEU A 127 -11.68 16.13 3.61
CA LEU A 127 -12.57 15.00 3.48
C LEU A 127 -11.77 13.73 3.69
N GLY A 128 -12.33 12.81 4.46
CA GLY A 128 -11.65 11.55 4.73
C GLY A 128 -12.57 10.38 4.50
N THR A 129 -12.01 9.16 4.57
CA THR A 129 -12.79 7.95 4.33
C THR A 129 -12.09 6.69 4.79
N ASP A 130 -12.87 5.62 4.88
CA ASP A 130 -12.37 4.30 5.26
C ASP A 130 -12.65 3.36 4.09
N ILE A 131 -11.62 2.71 3.58
CA ILE A 131 -11.79 1.78 2.46
C ILE A 131 -11.95 0.35 2.97
N ASP A 132 -12.71 -0.44 2.22
CA ASP A 132 -12.93 -1.84 2.55
C ASP A 132 -12.25 -2.66 1.46
N THR A 133 -11.04 -3.10 1.72
CA THR A 133 -10.26 -3.84 0.75
C THR A 133 -10.55 -5.32 0.68
N GLY A 134 -11.52 -5.79 1.44
CA GLY A 134 -11.82 -7.21 1.42
C GLY A 134 -10.66 -8.06 1.93
N LEU A 135 -9.62 -7.40 2.42
CA LEU A 135 -8.46 -8.08 2.95
C LEU A 135 -8.49 -7.93 4.46
N PRO A 136 -7.71 -8.74 5.20
CA PRO A 136 -7.69 -8.68 6.66
C PRO A 136 -6.84 -7.50 7.15
N MET A 137 -7.32 -6.29 6.89
CA MET A 137 -6.57 -5.09 7.26
C MET A 137 -7.50 -3.89 7.25
N SER A 138 -6.97 -2.75 7.69
CA SER A 138 -7.73 -1.50 7.69
C SER A 138 -6.97 -0.55 6.81
N LEU A 139 -7.71 0.29 6.09
CA LEU A 139 -7.10 1.25 5.19
C LEU A 139 -7.92 2.53 5.15
N SER A 140 -7.28 3.67 5.43
CA SER A 140 -7.99 4.94 5.40
C SER A 140 -7.26 5.97 4.54
N MET A 141 -8.05 6.87 3.95
CA MET A 141 -7.51 7.93 3.10
C MET A 141 -8.12 9.27 3.47
N ASN A 142 -7.35 10.35 3.31
CA ASN A 142 -7.80 11.70 3.64
C ASN A 142 -7.08 12.78 2.81
N VAL A 143 -7.80 13.84 2.46
CA VAL A 143 -7.18 14.94 1.73
C VAL A 143 -7.56 16.15 2.51
N TYR A 144 -6.58 17.02 2.73
CA TYR A 144 -6.84 18.22 3.50
C TYR A 144 -6.35 19.49 2.84
N ALA A 145 -6.95 20.59 3.27
CA ALA A 145 -6.55 21.92 2.83
C ALA A 145 -5.85 22.40 4.11
N LYS A 146 -4.99 23.39 4.03
CA LYS A 146 -4.34 23.81 5.27
C LYS A 146 -4.22 25.30 5.51
N TYR A 147 -4.39 25.67 6.78
CA TYR A 147 -4.18 27.04 7.18
C TYR A 147 -2.96 27.01 8.13
N GLN A 148 -1.99 27.88 7.84
CA GLN A 148 -0.79 27.96 8.64
C GLN A 148 -0.85 29.13 9.61
N TRP A 149 -0.41 28.90 10.84
CA TRP A 149 -0.33 29.96 11.83
C TRP A 149 1.19 30.08 12.05
N GLN A 150 1.66 29.82 13.27
CA GLN A 150 3.11 29.91 13.48
C GLN A 150 3.79 28.76 12.74
N ASN A 151 4.97 29.03 12.22
CA ASN A 151 5.73 28.03 11.51
C ASN A 151 7.18 28.44 11.59
N TYR A 152 7.67 28.50 12.82
CA TYR A 152 9.06 28.85 13.06
C TYR A 152 9.48 30.09 12.27
N GLY A 153 8.56 31.06 12.16
CA GLY A 153 8.88 32.27 11.45
C GLY A 153 9.13 32.09 9.98
N ALA A 154 8.64 30.99 9.41
CA ALA A 154 8.83 30.77 7.99
C ALA A 154 7.89 31.67 7.15
N ALA A 155 8.22 31.75 5.86
CA ALA A 155 7.50 32.58 4.89
C ALA A 155 6.03 32.31 4.68
N ASN A 156 5.55 31.14 5.10
CA ASN A 156 4.15 30.82 4.89
C ASN A 156 3.31 30.87 6.15
N GLU A 157 3.67 31.73 7.08
CA GLU A 157 2.87 31.80 8.30
C GLU A 157 1.61 32.57 8.06
N ASN A 158 0.59 32.31 8.87
CA ASN A 158 -0.72 32.94 8.77
C ASN A 158 -1.26 33.17 7.38
N GLU A 159 -1.71 32.08 6.78
CA GLU A 159 -2.28 32.10 5.45
C GLU A 159 -2.69 30.69 5.12
N TRP A 160 -3.57 30.54 4.14
CA TRP A 160 -3.96 29.22 3.73
C TRP A 160 -2.80 28.78 2.85
N ASP A 161 -2.22 27.62 3.18
CA ASP A 161 -1.10 27.12 2.38
C ASP A 161 -1.05 25.60 2.28
N GLY A 162 -0.74 25.12 1.07
CA GLY A 162 -0.62 23.70 0.81
C GLY A 162 -1.78 22.77 1.10
N TYR A 163 -1.60 21.53 0.68
CA TYR A 163 -2.59 20.47 0.87
C TYR A 163 -1.88 19.20 1.27
N ARG A 164 -2.65 18.29 1.87
CA ARG A 164 -2.09 17.02 2.29
C ARG A 164 -2.98 15.81 2.03
N PHE A 165 -2.33 14.74 1.58
CA PHE A 165 -3.01 13.48 1.35
C PHE A 165 -2.40 12.51 2.37
N LYS A 166 -3.24 11.97 3.25
CA LYS A 166 -2.79 11.04 4.26
C LYS A 166 -3.39 9.68 3.99
N ILE A 167 -2.54 8.68 3.90
CA ILE A 167 -3.01 7.33 3.67
C ILE A 167 -2.44 6.48 4.79
N LYS A 168 -3.30 5.80 5.54
CA LYS A 168 -2.78 4.96 6.60
C LYS A 168 -3.49 3.63 6.63
N TYR A 169 -2.73 2.61 7.00
CA TYR A 169 -3.26 1.27 7.06
C TYR A 169 -2.74 0.45 8.24
N PHE A 170 -3.59 -0.45 8.73
CA PHE A 170 -3.28 -1.31 9.85
C PHE A 170 -3.45 -2.79 9.45
N VAL A 171 -2.40 -3.59 9.64
CA VAL A 171 -2.48 -4.98 9.25
C VAL A 171 -1.99 -5.94 10.30
N PRO A 172 -2.93 -6.66 10.93
CA PRO A 172 -2.61 -7.64 11.96
C PRO A 172 -1.79 -8.74 11.33
N ILE A 173 -0.60 -9.02 11.86
CA ILE A 173 0.24 -10.08 11.32
C ILE A 173 -0.05 -11.42 12.00
N THR A 174 0.53 -11.64 13.17
CA THR A 174 0.32 -12.89 13.91
C THR A 174 0.62 -12.68 15.38
N ASP A 175 0.73 -13.78 16.11
CA ASP A 175 1.07 -13.74 17.51
C ASP A 175 2.52 -14.13 17.53
N LEU A 176 3.32 -13.40 18.28
CA LEU A 176 4.74 -13.68 18.35
C LEU A 176 5.18 -13.39 19.76
N TRP A 177 5.97 -14.31 20.31
CA TRP A 177 6.48 -14.19 21.66
C TRP A 177 5.44 -13.91 22.75
N GLY A 178 4.24 -14.48 22.61
CA GLY A 178 3.25 -14.27 23.64
C GLY A 178 2.44 -13.01 23.42
N GLY A 179 2.86 -12.20 22.44
CA GLY A 179 2.13 -10.98 22.13
C GLY A 179 1.56 -11.00 20.73
N GLN A 180 0.93 -9.90 20.33
CA GLN A 180 0.36 -9.78 19.00
C GLN A 180 1.19 -8.86 18.12
N LEU A 181 1.83 -9.43 17.12
CA LEU A 181 2.62 -8.66 16.19
C LEU A 181 1.72 -8.10 15.09
N SER A 182 1.89 -6.82 14.78
CA SER A 182 1.10 -6.20 13.72
C SER A 182 1.94 -5.19 12.99
N TYR A 183 1.38 -4.66 11.91
CA TYR A 183 2.09 -3.70 11.09
C TYR A 183 1.25 -2.46 10.85
N ILE A 184 1.91 -1.33 10.87
CA ILE A 184 1.22 -0.08 10.66
C ILE A 184 1.99 0.79 9.73
N GLY A 185 1.28 1.33 8.75
CA GLY A 185 1.90 2.21 7.80
C GLY A 185 0.98 3.39 7.51
N PHE A 186 1.57 4.56 7.30
CA PHE A 186 0.84 5.76 6.97
C PHE A 186 1.82 6.71 6.31
N THR A 187 1.33 7.51 5.37
CA THR A 187 2.18 8.44 4.68
C THR A 187 1.48 9.75 4.49
N ASN A 188 2.25 10.83 4.62
CA ASN A 188 1.76 12.17 4.46
C ASN A 188 2.41 12.85 3.28
N PHE A 189 1.60 13.05 2.23
CA PHE A 189 2.02 13.71 0.99
C PHE A 189 1.61 15.17 1.06
N ASP A 190 2.57 16.06 0.97
CA ASP A 190 2.28 17.47 1.04
C ASP A 190 2.68 18.17 -0.24
N TRP A 191 1.77 18.95 -0.79
CA TRP A 191 2.09 19.63 -2.03
C TRP A 191 1.32 20.93 -2.11
N GLY A 192 1.68 21.77 -3.07
CA GLY A 192 0.97 23.01 -3.24
C GLY A 192 1.33 24.13 -2.29
N SER A 193 2.30 23.90 -1.42
CA SER A 193 2.69 24.95 -0.50
C SER A 193 3.39 26.00 -1.33
N ASP A 194 3.38 27.24 -0.86
CA ASP A 194 4.02 28.34 -1.56
C ASP A 194 5.39 28.59 -1.01
N LEU A 195 5.70 27.93 0.10
CA LEU A 195 7.01 28.03 0.75
C LEU A 195 8.03 27.59 -0.30
N GLY A 196 9.31 27.81 -0.09
CA GLY A 196 10.23 27.40 -1.13
C GLY A 196 10.22 28.43 -2.24
N ASP A 197 9.03 28.71 -2.78
CA ASP A 197 8.92 29.74 -3.80
C ASP A 197 9.29 31.03 -3.10
N ASP A 198 8.61 31.28 -2.00
CA ASP A 198 8.79 32.48 -1.19
C ASP A 198 9.95 32.50 -0.21
N SER A 199 10.86 31.55 -0.30
CA SER A 199 12.00 31.53 0.61
C SER A 199 13.24 31.81 -0.21
N GLY A 200 14.36 32.08 0.44
CA GLY A 200 15.54 32.39 -0.34
C GLY A 200 16.18 31.21 -1.03
N ASN A 201 17.44 31.38 -1.40
CA ASN A 201 18.21 30.30 -2.03
C ASN A 201 19.32 29.95 -1.05
N ALA A 202 20.00 28.84 -1.28
CA ALA A 202 21.07 28.44 -0.38
C ALA A 202 22.41 28.87 -0.93
N ILE A 203 23.43 28.83 -0.08
CA ILE A 203 24.78 29.18 -0.49
C ILE A 203 24.94 28.31 -1.73
N ASN A 204 24.41 27.12 -1.56
CA ASN A 204 24.37 26.04 -2.54
C ASN A 204 23.90 26.41 -3.95
N GLY A 205 23.08 27.45 -4.09
CA GLY A 205 22.55 27.81 -5.38
C GLY A 205 21.08 27.42 -5.44
N ILE A 206 20.79 26.17 -5.10
CA ILE A 206 19.41 25.69 -5.10
C ILE A 206 18.57 26.40 -4.04
N LYS A 207 17.26 26.29 -4.14
CA LYS A 207 16.40 26.95 -3.16
C LYS A 207 16.48 26.26 -1.82
N THR A 208 16.29 27.03 -0.75
CA THR A 208 16.36 26.49 0.60
C THR A 208 15.16 25.65 1.01
N ARG A 209 13.95 26.11 0.69
CA ARG A 209 12.75 25.37 1.08
C ARG A 209 12.00 24.64 -0.03
N THR A 210 10.91 23.97 0.33
CA THR A 210 10.16 23.18 -0.63
C THR A 210 8.65 23.35 -0.63
N ASN A 211 8.07 23.35 -1.82
CA ASN A 211 6.63 23.50 -2.00
C ASN A 211 5.88 22.26 -1.62
N ASN A 212 6.62 21.17 -1.50
CA ASN A 212 6.03 19.89 -1.14
C ASN A 212 6.91 19.06 -0.18
N SER A 213 6.45 17.85 0.14
CA SER A 213 7.21 17.00 1.04
C SER A 213 6.49 15.67 1.28
N ILE A 214 7.27 14.64 1.58
CA ILE A 214 6.69 13.34 1.89
C ILE A 214 7.35 12.74 3.13
N ALA A 215 6.51 12.15 3.98
CA ALA A 215 6.96 11.50 5.19
C ALA A 215 6.16 10.21 5.25
N SER A 216 6.86 9.11 4.98
CA SER A 216 6.25 7.78 5.00
C SER A 216 6.75 7.00 6.21
N SER A 217 5.83 6.36 6.92
CA SER A 217 6.19 5.60 8.10
C SER A 217 5.82 4.13 8.00
N HIS A 218 6.71 3.27 8.48
CA HIS A 218 6.50 1.83 8.51
C HIS A 218 6.73 1.37 9.92
N ILE A 219 5.71 0.74 10.49
CA ILE A 219 5.80 0.29 11.88
C ILE A 219 5.53 -1.19 12.18
N LEU A 220 6.41 -1.75 12.98
CA LEU A 220 6.30 -3.13 13.39
C LEU A 220 6.06 -3.03 14.89
N ALA A 221 4.87 -3.44 15.32
CA ALA A 221 4.49 -3.36 16.72
C ALA A 221 4.09 -4.66 17.45
N LEU A 222 4.70 -4.90 18.61
CA LEU A 222 4.40 -6.08 19.43
C LEU A 222 3.55 -5.64 20.62
N ASN A 223 2.34 -6.17 20.72
CA ASN A 223 1.47 -5.77 21.82
C ASN A 223 1.07 -6.84 22.80
N TYR A 224 1.32 -6.57 24.07
CA TYR A 224 0.94 -7.49 25.12
C TYR A 224 -0.25 -6.85 25.82
N ASP A 225 -0.74 -7.47 26.89
CA ASP A 225 -1.90 -6.92 27.57
C ASP A 225 -1.72 -5.44 27.89
N HIS A 226 -0.52 -5.04 28.29
CA HIS A 226 -0.28 -3.65 28.64
C HIS A 226 0.97 -3.07 28.00
N TRP A 227 2.07 -3.81 28.13
CA TRP A 227 3.32 -3.32 27.56
C TRP A 227 3.40 -3.60 26.09
N HIS A 228 4.05 -2.70 25.37
CA HIS A 228 4.20 -2.86 23.94
C HIS A 228 5.51 -2.30 23.43
N TYR A 229 5.98 -2.87 22.33
CA TYR A 229 7.23 -2.46 21.71
C TYR A 229 6.97 -2.18 20.24
N SER A 230 7.64 -1.17 19.68
CA SER A 230 7.46 -0.84 18.28
C SER A 230 8.74 -0.39 17.63
N VAL A 231 9.00 -0.84 16.40
CA VAL A 231 10.18 -0.38 15.72
C VAL A 231 9.62 0.41 14.54
N VAL A 232 10.16 1.61 14.34
CA VAL A 232 9.65 2.46 13.27
C VAL A 232 10.68 2.97 12.29
N ALA A 233 10.45 2.63 11.02
CA ALA A 233 11.32 3.07 9.94
C ALA A 233 10.56 4.20 9.26
N ARG A 234 11.20 5.34 9.12
CA ARG A 234 10.54 6.48 8.49
C ARG A 234 11.42 7.08 7.42
N TYR A 235 10.82 7.37 6.27
CA TYR A 235 11.53 7.93 5.14
C TYR A 235 10.95 9.29 4.81
N TRP A 236 11.85 10.23 4.57
CA TRP A 236 11.46 11.59 4.26
C TRP A 236 11.97 11.98 2.88
N HIS A 237 11.22 12.86 2.24
CA HIS A 237 11.60 13.41 0.94
C HIS A 237 11.36 14.89 1.17
N ASP A 238 12.46 15.62 1.32
CA ASP A 238 12.42 17.04 1.61
C ASP A 238 11.71 17.25 2.95
N GLY A 239 12.20 16.57 3.97
CA GLY A 239 11.61 16.68 5.30
C GLY A 239 11.31 18.11 5.70
N GLY A 240 10.17 18.30 6.35
CA GLY A 240 9.79 19.61 6.81
C GLY A 240 9.88 20.64 5.72
N GLN A 241 9.78 20.17 4.49
CA GLN A 241 9.84 21.05 3.35
C GLN A 241 11.20 21.73 3.26
N TRP A 242 12.21 21.02 3.72
CA TRP A 242 13.56 21.53 3.61
C TRP A 242 14.09 20.89 2.34
N ASN A 243 14.44 21.73 1.38
CA ASN A 243 14.95 21.24 0.11
C ASN A 243 16.26 20.50 0.34
N ASP A 244 16.23 19.19 0.12
CA ASP A 244 17.41 18.34 0.32
C ASP A 244 18.65 18.86 -0.37
N ASP A 245 19.75 18.83 0.38
CA ASP A 245 21.07 19.27 -0.07
C ASP A 245 21.30 20.76 -0.06
N ALA A 246 20.30 21.53 0.36
CA ALA A 246 20.48 22.96 0.40
C ALA A 246 21.68 23.24 1.30
N GLU A 247 22.58 24.12 0.86
CA GLU A 247 23.76 24.46 1.64
C GLU A 247 23.52 25.72 2.45
N LEU A 248 23.56 25.56 3.77
CA LEU A 248 23.34 26.65 4.71
C LEU A 248 24.56 26.87 5.63
N ASN A 249 24.48 27.89 6.47
CA ASN A 249 25.52 28.21 7.44
C ASN A 249 24.91 28.95 8.62
N PHE A 250 24.69 28.24 9.71
CA PHE A 250 24.08 28.85 10.88
C PHE A 250 25.08 29.48 11.85
N GLY A 251 26.31 29.70 11.38
CA GLY A 251 27.30 30.29 12.25
C GLY A 251 28.29 29.30 12.82
N ASN A 252 28.49 28.19 12.13
CA ASN A 252 29.44 27.19 12.59
C ASN A 252 30.14 26.61 11.40
N GLY A 253 29.87 27.20 10.25
CA GLY A 253 30.45 26.75 9.01
C GLY A 253 29.34 26.28 8.10
N ASN A 254 29.69 26.00 6.85
CA ASN A 254 28.71 25.53 5.91
C ASN A 254 28.36 24.09 6.17
N PHE A 255 27.14 23.72 5.83
CA PHE A 255 26.68 22.35 5.97
C PHE A 255 25.59 22.11 4.94
N ASN A 256 25.27 20.84 4.70
CA ASN A 256 24.24 20.51 3.73
C ASN A 256 23.07 19.83 4.36
N VAL A 257 21.88 20.25 3.96
CA VAL A 257 20.65 19.67 4.49
C VAL A 257 20.47 18.24 3.96
N ARG A 258 20.03 17.34 4.84
CA ARG A 258 19.81 15.95 4.46
C ARG A 258 18.34 15.58 4.73
N SER A 259 17.44 16.29 4.05
CA SER A 259 16.01 16.12 4.25
C SER A 259 15.39 14.91 3.58
N THR A 260 16.13 14.27 2.69
CA THR A 260 15.62 13.05 2.06
C THR A 260 16.43 11.88 2.55
N GLY A 261 15.75 10.82 2.98
CA GLY A 261 16.44 9.65 3.49
C GLY A 261 15.72 8.99 4.65
N TRP A 262 16.35 7.96 5.20
CA TRP A 262 15.73 7.25 6.31
C TRP A 262 16.19 7.64 7.69
N GLY A 263 15.31 7.32 8.64
CA GLY A 263 15.54 7.58 10.04
C GLY A 263 14.61 6.60 10.71
N GLY A 264 14.77 6.37 12.01
CA GLY A 264 13.89 5.42 12.63
C GLY A 264 13.64 5.72 14.08
N TYR A 265 12.68 5.00 14.66
CA TYR A 265 12.33 5.17 16.05
C TYR A 265 12.16 3.83 16.77
N LEU A 266 12.46 3.83 18.07
CA LEU A 266 12.25 2.68 18.94
C LEU A 266 11.30 3.19 20.00
N VAL A 267 10.19 2.48 20.19
CA VAL A 267 9.18 2.90 21.14
C VAL A 267 8.73 1.82 22.10
N VAL A 268 8.84 2.11 23.39
CA VAL A 268 8.41 1.17 24.42
C VAL A 268 7.41 1.94 25.26
N GLY A 269 6.26 1.35 25.52
CA GLY A 269 5.24 2.03 26.28
C GLY A 269 4.29 1.11 27.02
N TYR A 270 3.31 1.69 27.68
CA TYR A 270 2.36 0.92 28.45
C TYR A 270 0.95 1.48 28.26
N ASN A 271 0.02 0.62 27.83
CA ASN A 271 -1.38 1.03 27.63
C ASN A 271 -2.21 0.73 28.87
N PHE A 272 -2.93 1.71 29.38
CA PHE A 272 -3.75 1.51 30.56
C PHE A 272 -5.17 1.03 30.30
N HIS A 273 -5.73 0.29 31.24
CA HIS A 273 -7.12 -0.18 31.17
C HIS A 273 -7.47 -1.11 32.31
N HIS A 274 -8.52 -0.74 33.04
CA HIS A 274 -8.98 -1.54 34.18
C HIS A 274 -9.51 -2.88 33.67
N HIS A 275 -9.11 -3.95 34.33
CA HIS A 275 -9.51 -5.31 33.96
C HIS A 275 -11.03 -5.45 33.98
N LEU B 9 15.68 -6.43 -29.55
CA LEU B 9 16.29 -5.27 -28.84
C LEU B 9 16.09 -5.43 -27.34
N SER B 10 17.19 -5.35 -26.59
CA SER B 10 17.14 -5.48 -25.13
C SER B 10 16.71 -4.17 -24.49
N ASP B 11 16.51 -3.15 -25.32
CA ASP B 11 16.08 -1.84 -24.86
C ASP B 11 14.60 -1.87 -24.50
N TRP B 12 14.07 -3.06 -24.28
CA TRP B 12 12.66 -3.21 -23.93
C TRP B 12 12.20 -4.65 -23.67
N TRP B 13 12.48 -5.56 -24.61
CA TRP B 13 12.05 -6.95 -24.44
C TRP B 13 12.98 -7.77 -23.56
N HIS B 14 12.50 -8.11 -22.36
CA HIS B 14 13.27 -8.90 -21.40
C HIS B 14 12.64 -10.27 -21.23
N GLN B 15 13.46 -11.31 -21.35
CA GLN B 15 12.96 -12.67 -21.21
C GLN B 15 13.63 -13.42 -20.07
N SER B 16 13.01 -14.52 -19.67
CA SER B 16 13.53 -15.35 -18.60
C SER B 16 12.82 -16.68 -18.51
N VAL B 17 13.59 -17.71 -18.14
CA VAL B 17 13.06 -19.05 -17.97
C VAL B 17 13.31 -19.37 -16.51
N ASN B 18 12.30 -19.84 -15.80
CA ASN B 18 12.45 -20.13 -14.39
C ASN B 18 11.90 -21.49 -14.00
N VAL B 19 12.27 -21.91 -12.80
CA VAL B 19 11.80 -23.15 -12.22
C VAL B 19 11.06 -22.67 -10.98
N VAL B 20 9.80 -23.06 -10.84
CA VAL B 20 9.02 -22.62 -9.69
C VAL B 20 8.47 -23.75 -8.84
N GLY B 21 8.55 -23.54 -7.53
CA GLY B 21 8.02 -24.51 -6.59
C GLY B 21 6.99 -23.73 -5.81
N SER B 22 5.77 -24.27 -5.70
CA SER B 22 4.71 -23.60 -4.97
C SER B 22 4.29 -24.42 -3.77
N TYR B 23 3.60 -23.78 -2.82
CA TYR B 23 3.15 -24.46 -1.63
C TYR B 23 1.89 -23.84 -1.07
N HIS B 24 0.82 -24.63 -0.99
CA HIS B 24 -0.45 -24.16 -0.44
C HIS B 24 -1.15 -23.10 -1.28
N THR B 25 -1.18 -23.37 -2.59
CA THR B 25 -1.81 -22.54 -3.60
C THR B 25 -3.32 -22.62 -3.43
N ARG B 26 -4.04 -21.53 -3.67
CA ARG B 26 -5.48 -21.55 -3.48
C ARG B 26 -6.39 -21.11 -4.63
N PHE B 27 -5.97 -21.32 -5.88
CA PHE B 27 -6.82 -20.95 -7.01
C PHE B 27 -7.94 -21.97 -7.25
N GLY B 28 -7.73 -23.22 -6.82
CA GLY B 28 -8.75 -24.25 -7.02
C GLY B 28 -9.46 -24.75 -5.77
N PRO B 29 -10.36 -25.76 -5.90
CA PRO B 29 -11.12 -26.34 -4.79
C PRO B 29 -10.26 -26.99 -3.72
N GLN B 30 -9.17 -27.62 -4.13
CA GLN B 30 -8.28 -28.28 -3.19
C GLN B 30 -6.90 -27.64 -3.24
N ILE B 31 -6.24 -27.61 -2.09
CA ILE B 31 -4.92 -27.01 -1.97
C ILE B 31 -3.93 -27.73 -2.86
N ARG B 32 -2.96 -26.99 -3.39
CA ARG B 32 -1.97 -27.59 -4.25
C ARG B 32 -0.57 -27.11 -3.94
N ASN B 33 0.40 -27.91 -4.35
CA ASN B 33 1.81 -27.61 -4.16
C ASN B 33 2.40 -28.17 -5.43
N ASP B 34 2.89 -27.31 -6.32
CA ASP B 34 3.44 -27.82 -7.56
C ASP B 34 4.79 -27.25 -7.90
N THR B 35 5.43 -27.83 -8.90
CA THR B 35 6.71 -27.35 -9.37
C THR B 35 6.53 -27.31 -10.87
N TYR B 36 7.22 -26.40 -11.55
CA TYR B 36 7.06 -26.30 -12.99
C TYR B 36 8.02 -25.31 -13.63
N LEU B 37 8.07 -25.34 -14.96
CA LEU B 37 8.93 -24.42 -15.68
C LEU B 37 8.09 -23.22 -16.01
N GLU B 38 8.75 -22.09 -16.28
CA GLU B 38 8.02 -20.88 -16.60
C GLU B 38 8.79 -19.91 -17.48
N TYR B 39 8.08 -19.32 -18.43
CA TYR B 39 8.67 -18.35 -19.34
C TYR B 39 8.09 -17.00 -18.96
N GLU B 40 8.99 -16.03 -18.75
CA GLU B 40 8.58 -14.68 -18.39
C GLU B 40 8.99 -13.68 -19.46
N ALA B 41 8.21 -12.61 -19.57
CA ALA B 41 8.48 -11.56 -20.54
C ALA B 41 7.93 -10.21 -20.11
N PHE B 42 8.80 -9.22 -20.03
CA PHE B 42 8.42 -7.85 -19.65
C PHE B 42 8.88 -6.92 -20.77
N ALA B 43 8.09 -5.88 -21.05
CA ALA B 43 8.44 -4.94 -22.10
C ALA B 43 7.84 -3.55 -21.87
N LYS B 44 8.56 -2.53 -22.33
CA LYS B 44 8.13 -1.13 -22.20
C LYS B 44 8.64 -0.37 -23.43
N LYS B 45 7.74 0.03 -24.31
CA LYS B 45 8.11 0.74 -25.53
C LYS B 45 7.14 1.89 -25.84
N ASP B 46 7.57 3.10 -25.47
CA ASP B 46 6.82 4.34 -25.65
C ASP B 46 5.28 4.28 -25.65
N TRP B 47 4.68 3.53 -26.55
CA TRP B 47 3.21 3.47 -26.55
C TRP B 47 2.64 2.22 -25.89
N PHE B 48 3.49 1.26 -25.55
CA PHE B 48 3.00 0.03 -24.94
C PHE B 48 3.96 -0.64 -23.97
N ASP B 49 3.40 -1.15 -22.87
CA ASP B 49 4.17 -1.89 -21.87
C ASP B 49 3.52 -3.25 -21.75
N PHE B 50 4.31 -4.27 -21.41
CA PHE B 50 3.75 -5.60 -21.32
C PHE B 50 4.46 -6.54 -20.37
N TYR B 51 3.66 -7.36 -19.70
CA TYR B 51 4.18 -8.39 -18.81
C TYR B 51 3.33 -9.61 -19.03
N GLY B 52 3.96 -10.77 -18.95
CA GLY B 52 3.23 -12.01 -19.13
C GLY B 52 4.11 -13.18 -18.76
N TYR B 53 3.49 -14.33 -18.53
CA TYR B 53 4.23 -15.53 -18.17
C TYR B 53 3.48 -16.78 -18.61
N ALA B 54 4.23 -17.86 -18.83
CA ALA B 54 3.65 -19.13 -19.23
C ALA B 54 4.25 -20.22 -18.34
N ASP B 55 3.37 -21.02 -17.75
CA ASP B 55 3.80 -22.11 -16.87
C ASP B 55 3.52 -23.46 -17.51
N ALA B 56 4.44 -24.40 -17.29
CA ALA B 56 4.28 -25.74 -17.83
C ALA B 56 4.83 -26.73 -16.81
N PRO B 57 4.23 -27.93 -16.76
CA PRO B 57 4.62 -29.01 -15.83
C PRO B 57 6.11 -29.33 -15.98
N VAL B 58 6.75 -29.76 -14.90
CA VAL B 58 8.18 -30.08 -14.99
C VAL B 58 8.45 -31.06 -16.12
N PRO B 75 -0.26 -28.76 -22.32
CA PRO B 75 -0.42 -28.67 -20.87
C PRO B 75 0.23 -27.43 -20.26
N LEU B 76 -0.25 -26.25 -20.64
CA LEU B 76 0.32 -25.01 -20.12
C LEU B 76 -0.70 -24.08 -19.46
N PHE B 77 -0.20 -22.93 -19.04
CA PHE B 77 -0.98 -21.87 -18.40
C PHE B 77 -0.21 -20.60 -18.73
N MET B 78 -0.90 -19.59 -19.26
CA MET B 78 -0.22 -18.34 -19.55
C MET B 78 -1.12 -17.14 -19.25
N GLU B 79 -0.50 -16.10 -18.71
CA GLU B 79 -1.20 -14.88 -18.35
C GLU B 79 -0.42 -13.72 -18.93
N ILE B 80 -1.09 -12.88 -19.70
CA ILE B 80 -0.43 -11.73 -20.30
C ILE B 80 -1.09 -10.44 -19.86
N GLU B 81 -0.28 -9.40 -19.76
CA GLU B 81 -0.74 -8.08 -19.34
C GLU B 81 -0.24 -7.03 -20.33
N PRO B 82 -0.94 -6.88 -21.46
CA PRO B 82 -0.47 -5.86 -22.42
C PRO B 82 -1.30 -4.58 -22.27
N ARG B 83 -0.61 -3.44 -22.18
CA ARG B 83 -1.27 -2.16 -22.06
C ARG B 83 -0.82 -1.21 -23.16
N PHE B 84 -1.75 -0.38 -23.62
CA PHE B 84 -1.46 0.58 -24.67
C PHE B 84 -1.73 2.00 -24.19
N SER B 85 -0.70 2.85 -24.32
CA SER B 85 -0.79 4.23 -23.88
C SER B 85 -1.79 5.08 -24.65
N ILE B 86 -2.87 5.46 -23.98
CA ILE B 86 -3.89 6.29 -24.60
C ILE B 86 -3.20 7.60 -24.94
N ASP B 87 -2.34 8.06 -24.03
CA ASP B 87 -1.59 9.30 -24.25
C ASP B 87 -0.85 9.19 -25.57
N LYS B 88 0.23 8.38 -25.58
CA LYS B 88 1.04 8.20 -26.78
C LYS B 88 0.24 8.05 -28.06
N LEU B 89 -0.74 7.17 -28.06
CA LEU B 89 -1.54 6.95 -29.25
C LEU B 89 -2.46 8.13 -29.59
N THR B 90 -3.04 8.76 -28.56
CA THR B 90 -3.92 9.91 -28.79
C THR B 90 -3.05 11.14 -29.01
N ASN B 91 -1.78 11.02 -28.65
CA ASN B 91 -0.84 12.11 -28.76
C ASN B 91 -1.43 13.34 -28.10
N THR B 92 -1.88 13.17 -26.85
CA THR B 92 -2.49 14.23 -26.07
C THR B 92 -2.19 14.03 -24.58
N ASP B 93 -1.24 14.80 -24.04
CA ASP B 93 -0.86 14.71 -22.64
C ASP B 93 -2.07 14.67 -21.71
N LEU B 94 -2.56 13.47 -21.44
CA LEU B 94 -3.72 13.27 -20.58
C LEU B 94 -3.32 13.36 -19.13
N SER B 95 -2.01 13.53 -18.91
CA SER B 95 -1.46 13.64 -17.57
C SER B 95 -2.32 14.52 -16.67
N PHE B 96 -2.45 14.12 -15.41
CA PHE B 96 -3.25 14.87 -14.46
C PHE B 96 -3.01 14.37 -13.03
N GLY B 97 -2.71 15.30 -12.13
CA GLY B 97 -2.46 14.92 -10.75
C GLY B 97 -1.28 13.98 -10.66
N PRO B 98 -1.38 12.93 -9.83
CA PRO B 98 -0.30 11.96 -9.67
C PRO B 98 -0.25 11.01 -10.86
N PHE B 99 -1.31 11.04 -11.65
CA PHE B 99 -1.45 10.18 -12.83
C PHE B 99 -0.58 10.65 -14.00
N LYS B 100 0.54 9.98 -14.18
CA LYS B 100 1.50 10.29 -15.23
C LYS B 100 1.06 9.91 -16.64
N GLU B 101 0.31 8.81 -16.76
CA GLU B 101 -0.13 8.34 -18.07
C GLU B 101 -1.39 7.50 -17.92
N TRP B 102 -2.12 7.33 -19.01
CA TRP B 102 -3.33 6.52 -19.01
C TRP B 102 -3.19 5.43 -20.06
N TYR B 103 -3.84 4.29 -19.83
CA TYR B 103 -3.75 3.17 -20.76
C TYR B 103 -5.04 2.40 -21.01
N PHE B 104 -5.02 1.63 -22.10
CA PHE B 104 -6.09 0.73 -22.46
C PHE B 104 -5.41 -0.54 -21.92
N ALA B 105 -5.84 -0.99 -20.75
CA ALA B 105 -5.21 -2.14 -20.12
C ALA B 105 -5.92 -3.48 -20.31
N ASN B 106 -5.12 -4.54 -20.38
CA ASN B 106 -5.65 -5.89 -20.55
C ASN B 106 -4.94 -6.96 -19.73
N ASN B 107 -5.74 -7.80 -19.09
CA ASN B 107 -5.23 -8.90 -18.28
C ASN B 107 -5.93 -10.12 -18.83
N TYR B 108 -5.22 -10.90 -19.65
CA TYR B 108 -5.78 -12.09 -20.25
C TYR B 108 -5.13 -13.38 -19.72
N ILE B 109 -5.97 -14.27 -19.18
CA ILE B 109 -5.50 -15.54 -18.63
C ILE B 109 -6.02 -16.71 -19.48
N TYR B 110 -5.12 -17.64 -19.79
CA TYR B 110 -5.45 -18.82 -20.59
C TYR B 110 -4.84 -20.06 -19.96
N ASP B 111 -5.68 -21.09 -19.74
CA ASP B 111 -5.24 -22.35 -19.12
C ASP B 111 -5.58 -23.57 -19.96
N MET B 112 -4.56 -24.18 -20.56
CA MET B 112 -4.74 -25.37 -21.40
C MET B 112 -3.91 -26.54 -20.86
N GLY B 113 -4.39 -27.18 -19.80
CA GLY B 113 -3.65 -28.29 -19.24
C GLY B 113 -4.41 -29.05 -18.19
N ARG B 114 -3.77 -30.09 -17.67
CA ARG B 114 -4.35 -30.95 -16.64
C ARG B 114 -5.06 -30.17 -15.53
N ASN B 115 -6.36 -29.98 -15.70
CA ASN B 115 -7.17 -29.28 -14.70
C ASN B 115 -8.60 -29.82 -14.74
N LYS B 116 -8.77 -31.02 -14.18
CA LYS B 116 -10.06 -31.70 -14.11
C LYS B 116 -10.88 -31.62 -15.40
N ASP B 117 -11.80 -30.68 -15.43
CA ASP B 117 -12.69 -30.51 -16.57
C ASP B 117 -12.50 -29.21 -17.34
N GLY B 118 -12.14 -29.33 -18.61
CA GLY B 118 -11.98 -28.16 -19.46
C GLY B 118 -10.81 -27.22 -19.22
N ARG B 119 -10.81 -26.13 -19.98
CA ARG B 119 -9.78 -25.11 -19.91
C ARG B 119 -10.40 -23.77 -19.53
N GLN B 120 -9.56 -22.73 -19.48
CA GLN B 120 -10.03 -21.40 -19.13
C GLN B 120 -9.49 -20.34 -20.09
N SER B 121 -10.33 -19.38 -20.41
CA SER B 121 -9.95 -18.27 -21.28
C SER B 121 -10.64 -17.05 -20.68
N THR B 122 -9.87 -16.22 -19.99
CA THR B 122 -10.42 -15.03 -19.36
C THR B 122 -9.82 -13.74 -19.89
N TRP B 123 -10.67 -12.83 -20.35
CA TRP B 123 -10.19 -11.56 -20.88
C TRP B 123 -10.67 -10.33 -20.11
N TYR B 124 -9.71 -9.70 -19.43
CA TYR B 124 -9.96 -8.48 -18.67
C TYR B 124 -9.49 -7.33 -19.54
N MET B 125 -10.35 -6.34 -19.70
CA MET B 125 -10.02 -5.18 -20.53
C MET B 125 -10.58 -3.94 -19.85
N GLY B 126 -9.80 -2.85 -19.89
CA GLY B 126 -10.26 -1.63 -19.27
C GLY B 126 -9.27 -0.49 -19.30
N LEU B 127 -9.50 0.46 -18.39
CA LEU B 127 -8.68 1.64 -18.28
C LEU B 127 -7.60 1.43 -17.23
N GLY B 128 -6.37 1.84 -17.55
CA GLY B 128 -5.26 1.68 -16.62
C GLY B 128 -4.48 2.97 -16.47
N THR B 129 -3.47 2.98 -15.60
CA THR B 129 -2.66 4.19 -15.39
C THR B 129 -1.39 3.96 -14.58
N ASP B 130 -0.51 4.95 -14.60
CA ASP B 130 0.73 4.90 -13.84
C ASP B 130 0.73 6.08 -12.89
N ILE B 131 0.88 5.82 -11.60
CA ILE B 131 0.89 6.90 -10.61
C ILE B 131 2.31 7.33 -10.25
N ASP B 132 2.46 8.63 -10.01
CA ASP B 132 3.74 9.20 -9.63
C ASP B 132 3.65 9.58 -8.16
N THR B 133 4.14 8.69 -7.30
CA THR B 133 4.07 8.91 -5.87
C THR B 133 5.15 9.77 -5.27
N GLY B 134 6.04 10.31 -6.09
CA GLY B 134 7.10 11.14 -5.54
C GLY B 134 8.02 10.35 -4.66
N LEU B 135 7.84 9.03 -4.66
CA LEU B 135 8.69 8.13 -3.88
C LEU B 135 9.55 7.32 -4.85
N PRO B 136 10.59 6.64 -4.36
CA PRO B 136 11.48 5.82 -5.20
C PRO B 136 10.84 4.46 -5.45
N MET B 137 9.77 4.46 -6.21
CA MET B 137 9.04 3.23 -6.51
C MET B 137 8.10 3.49 -7.67
N SER B 138 7.56 2.42 -8.24
CA SER B 138 6.62 2.54 -9.34
C SER B 138 5.29 2.07 -8.80
N LEU B 139 4.21 2.63 -9.31
CA LEU B 139 2.89 2.26 -8.84
C LEU B 139 1.90 2.38 -10.00
N SER B 140 1.19 1.28 -10.30
CA SER B 140 0.20 1.25 -11.38
C SER B 140 -1.14 0.71 -10.91
N MET B 141 -2.20 1.23 -11.51
CA MET B 141 -3.57 0.83 -11.20
C MET B 141 -4.37 0.58 -12.48
N ASN B 142 -5.27 -0.40 -12.43
CA ASN B 142 -6.08 -0.76 -13.59
C ASN B 142 -7.44 -1.29 -13.18
N VAL B 143 -8.48 -0.95 -13.92
CA VAL B 143 -9.82 -1.47 -13.66
C VAL B 143 -10.28 -2.09 -14.96
N TYR B 144 -10.82 -3.30 -14.90
CA TYR B 144 -11.24 -3.97 -16.10
C TYR B 144 -12.65 -4.53 -16.05
N ALA B 145 -13.18 -4.81 -17.23
CA ALA B 145 -14.49 -5.41 -17.40
C ALA B 145 -14.04 -6.76 -17.95
N LYS B 146 -14.84 -7.80 -17.78
CA LYS B 146 -14.41 -9.11 -18.25
C LYS B 146 -15.41 -9.91 -19.07
N TYR B 147 -14.89 -10.61 -20.08
CA TYR B 147 -15.72 -11.50 -20.87
C TYR B 147 -15.13 -12.88 -20.64
N GLN B 148 -15.98 -13.80 -20.21
CA GLN B 148 -15.55 -15.17 -19.94
C GLN B 148 -15.87 -16.12 -21.09
N TRP B 149 -14.90 -17.00 -21.38
CA TRP B 149 -15.06 -18.01 -22.41
C TRP B 149 -15.08 -19.33 -21.64
N GLN B 150 -14.04 -20.15 -21.80
CA GLN B 150 -13.99 -21.41 -21.07
C GLN B 150 -13.63 -21.12 -19.62
N ASN B 151 -14.28 -21.82 -18.70
CA ASN B 151 -14.03 -21.64 -17.30
C ASN B 151 -14.30 -22.95 -16.59
N TYR B 152 -13.57 -23.98 -17.00
CA TYR B 152 -13.70 -25.30 -16.42
C TYR B 152 -15.16 -25.72 -16.32
N GLY B 153 -15.96 -25.33 -17.31
CA GLY B 153 -17.36 -25.68 -17.32
C GLY B 153 -18.17 -24.99 -16.24
N ALA B 154 -17.67 -23.87 -15.73
CA ALA B 154 -18.37 -23.13 -14.68
C ALA B 154 -19.62 -22.44 -15.21
N ALA B 155 -20.50 -22.07 -14.29
CA ALA B 155 -21.77 -21.43 -14.63
C ALA B 155 -21.64 -20.08 -15.32
N ASN B 156 -20.46 -19.49 -15.31
CA ASN B 156 -20.29 -18.18 -15.91
C ASN B 156 -19.48 -18.19 -17.21
N GLU B 157 -19.58 -19.27 -17.98
CA GLU B 157 -18.85 -19.34 -19.23
C GLU B 157 -19.56 -18.56 -20.31
N ASN B 158 -18.79 -18.10 -21.30
CA ASN B 158 -19.29 -17.32 -22.43
C ASN B 158 -20.36 -16.29 -22.10
N GLU B 159 -19.93 -15.18 -21.52
CA GLU B 159 -20.79 -14.08 -21.13
C GLU B 159 -19.92 -13.02 -20.47
N TRP B 160 -20.42 -11.78 -20.40
CA TRP B 160 -19.66 -10.74 -19.75
C TRP B 160 -19.89 -10.96 -18.26
N ASP B 161 -18.81 -11.13 -17.51
CA ASP B 161 -18.92 -11.36 -16.08
C ASP B 161 -17.83 -10.74 -15.21
N GLY B 162 -18.26 -10.15 -14.10
CA GLY B 162 -17.36 -9.52 -13.15
C GLY B 162 -16.38 -8.44 -13.62
N TYR B 163 -15.73 -7.81 -12.65
CA TYR B 163 -14.75 -6.77 -12.94
C TYR B 163 -13.53 -6.99 -12.07
N ARG B 164 -12.42 -6.38 -12.48
CA ARG B 164 -11.18 -6.51 -11.75
C ARG B 164 -10.40 -5.22 -11.57
N PHE B 165 -9.88 -5.03 -10.37
CA PHE B 165 -9.05 -3.89 -10.07
C PHE B 165 -7.67 -4.47 -9.79
N LYS B 166 -6.69 -4.08 -10.59
CA LYS B 166 -5.33 -4.58 -10.40
C LYS B 166 -4.42 -3.44 -9.96
N ILE B 167 -3.73 -3.65 -8.85
CA ILE B 167 -2.81 -2.64 -8.35
C ILE B 167 -1.46 -3.30 -8.15
N LYS B 168 -0.45 -2.79 -8.84
CA LYS B 168 0.87 -3.34 -8.66
C LYS B 168 1.91 -2.26 -8.46
N TYR B 169 2.96 -2.62 -7.72
CA TYR B 169 4.03 -1.67 -7.41
C TYR B 169 5.39 -2.33 -7.30
N PHE B 170 6.40 -1.59 -7.74
CA PHE B 170 7.77 -2.05 -7.72
C PHE B 170 8.63 -1.11 -6.86
N VAL B 171 9.37 -1.67 -5.92
CA VAL B 171 10.18 -0.86 -5.03
C VAL B 171 11.60 -1.35 -4.86
N PRO B 172 12.56 -0.68 -5.51
CA PRO B 172 13.97 -1.07 -5.40
C PRO B 172 14.41 -0.94 -3.94
N ILE B 173 14.98 -2.00 -3.37
CA ILE B 173 15.42 -1.94 -1.99
C ILE B 173 16.89 -1.52 -1.93
N THR B 174 17.79 -2.49 -2.05
CA THR B 174 19.23 -2.19 -2.02
C THR B 174 20.00 -3.27 -2.78
N ASP B 175 21.32 -3.27 -2.59
CA ASP B 175 22.15 -4.28 -3.21
C ASP B 175 22.48 -5.22 -2.08
N LEU B 176 22.34 -6.51 -2.33
CA LEU B 176 22.58 -7.51 -1.30
C LEU B 176 23.26 -8.72 -1.92
N TRP B 177 24.31 -9.19 -1.25
CA TRP B 177 25.08 -10.34 -1.71
C TRP B 177 25.56 -10.25 -3.16
N GLY B 178 25.90 -9.05 -3.60
CA GLY B 178 26.38 -8.88 -4.97
C GLY B 178 25.30 -8.62 -5.99
N GLY B 179 24.04 -8.77 -5.59
CA GLY B 179 22.95 -8.53 -6.51
C GLY B 179 22.08 -7.36 -6.08
N GLN B 180 20.95 -7.20 -6.75
CA GLN B 180 20.01 -6.13 -6.44
C GLN B 180 18.71 -6.65 -5.87
N LEU B 181 18.54 -6.49 -4.56
CA LEU B 181 17.32 -6.91 -3.88
C LEU B 181 16.22 -5.88 -4.13
N SER B 182 15.03 -6.36 -4.45
CA SER B 182 13.92 -5.45 -4.67
C SER B 182 12.63 -6.06 -4.16
N TYR B 183 11.55 -5.29 -4.25
CA TYR B 183 10.27 -5.78 -3.78
C TYR B 183 9.19 -5.51 -4.80
N ILE B 184 8.34 -6.50 -5.00
CA ILE B 184 7.25 -6.37 -5.93
C ILE B 184 5.97 -6.78 -5.26
N GLY B 185 4.91 -6.03 -5.52
CA GLY B 185 3.64 -6.36 -4.94
C GLY B 185 2.56 -5.99 -5.92
N PHE B 186 1.54 -6.85 -6.00
CA PHE B 186 0.39 -6.62 -6.87
C PHE B 186 -0.81 -7.37 -6.29
N THR B 187 -2.00 -6.84 -6.50
CA THR B 187 -3.20 -7.47 -6.00
C THR B 187 -4.31 -7.38 -7.01
N ASN B 188 -5.05 -8.48 -7.13
CA ASN B 188 -6.15 -8.56 -8.06
C ASN B 188 -7.46 -8.73 -7.30
N PHE B 189 -8.24 -7.65 -7.30
CA PHE B 189 -9.54 -7.64 -6.64
C PHE B 189 -10.58 -7.93 -7.69
N ASP B 190 -11.40 -8.95 -7.45
CA ASP B 190 -12.43 -9.31 -8.40
C ASP B 190 -13.77 -9.26 -7.71
N TRP B 191 -14.74 -8.66 -8.37
CA TRP B 191 -16.07 -8.54 -7.81
C TRP B 191 -17.11 -8.43 -8.90
N GLY B 192 -18.38 -8.54 -8.49
CA GLY B 192 -19.46 -8.40 -9.45
C GLY B 192 -19.73 -9.58 -10.37
N SER B 193 -19.01 -10.68 -10.16
CA SER B 193 -19.23 -11.87 -10.98
C SER B 193 -20.60 -12.39 -10.56
N ASP B 194 -21.21 -13.20 -11.43
CA ASP B 194 -22.52 -13.75 -11.13
C ASP B 194 -22.40 -15.21 -10.70
N LEU B 195 -21.18 -15.74 -10.78
CA LEU B 195 -20.89 -17.10 -10.36
C LEU B 195 -21.28 -17.15 -8.89
N GLY B 196 -21.32 -18.32 -8.29
CA GLY B 196 -21.69 -18.35 -6.88
C GLY B 196 -23.18 -18.13 -6.75
N ASP B 197 -23.68 -17.05 -7.35
CA ASP B 197 -25.11 -16.81 -7.32
C ASP B 197 -25.69 -17.96 -8.13
N ASP B 198 -25.10 -18.14 -9.31
CA ASP B 198 -25.52 -19.15 -10.28
C ASP B 198 -24.90 -20.54 -10.12
N SER B 199 -24.40 -20.85 -8.94
CA SER B 199 -23.81 -22.17 -8.72
C SER B 199 -24.55 -22.82 -7.58
N GLY B 200 -24.32 -24.12 -7.37
CA GLY B 200 -25.02 -24.81 -6.30
C GLY B 200 -24.54 -24.48 -4.91
N ASN B 201 -25.07 -25.21 -3.92
CA ASN B 201 -24.65 -25.02 -2.55
C ASN B 201 -23.78 -26.21 -2.17
N ALA B 202 -23.10 -26.11 -1.05
CA ALA B 202 -22.23 -27.18 -0.60
C ALA B 202 -22.95 -28.09 0.37
N ILE B 203 -22.38 -29.28 0.59
CA ILE B 203 -22.93 -30.25 1.53
C ILE B 203 -23.09 -29.36 2.75
N ASN B 204 -22.07 -28.51 2.88
CA ASN B 204 -21.87 -27.52 3.92
C ASN B 204 -23.07 -26.62 4.25
N GLY B 205 -23.89 -26.34 3.24
CA GLY B 205 -25.02 -25.48 3.45
C GLY B 205 -24.74 -24.18 2.72
N ILE B 206 -23.56 -23.61 2.96
CA ILE B 206 -23.15 -22.36 2.31
C ILE B 206 -22.98 -22.59 0.81
N LYS B 207 -22.96 -21.52 0.02
CA LYS B 207 -22.81 -21.67 -1.41
C LYS B 207 -21.41 -22.15 -1.76
N THR B 208 -21.28 -22.76 -2.94
CA THR B 208 -19.99 -23.30 -3.35
C THR B 208 -19.06 -22.30 -3.99
N ARG B 209 -19.61 -21.39 -4.78
CA ARG B 209 -18.76 -20.40 -5.42
C ARG B 209 -18.93 -18.98 -4.92
N THR B 210 -18.14 -18.08 -5.50
CA THR B 210 -18.13 -16.70 -5.07
C THR B 210 -18.22 -15.67 -6.18
N ASN B 211 -18.94 -14.60 -5.89
CA ASN B 211 -19.13 -13.48 -6.82
C ASN B 211 -17.89 -12.61 -6.92
N ASN B 212 -16.99 -12.78 -5.98
CA ASN B 212 -15.78 -11.96 -5.92
C ASN B 212 -14.57 -12.79 -5.53
N SER B 213 -13.42 -12.14 -5.39
CA SER B 213 -12.21 -12.84 -5.04
C SER B 213 -10.99 -11.93 -4.99
N ILE B 214 -10.06 -12.22 -4.08
CA ILE B 214 -8.84 -11.44 -3.98
C ILE B 214 -7.59 -12.32 -3.96
N ALA B 215 -6.57 -11.88 -4.69
CA ALA B 215 -5.30 -12.59 -4.74
C ALA B 215 -4.19 -11.55 -4.66
N SER B 216 -3.62 -11.39 -3.48
CA SER B 216 -2.57 -10.42 -3.29
C SER B 216 -1.21 -11.10 -3.25
N SER B 217 -0.24 -10.50 -3.93
CA SER B 217 1.09 -11.09 -3.97
C SER B 217 2.17 -10.14 -3.44
N HIS B 218 3.15 -10.72 -2.74
CA HIS B 218 4.29 -10.00 -2.17
C HIS B 218 5.54 -10.73 -2.59
N ILE B 219 6.41 -10.01 -3.28
CA ILE B 219 7.62 -10.62 -3.78
C ILE B 219 8.92 -9.95 -3.38
N LEU B 220 9.88 -10.79 -3.00
CA LEU B 220 11.22 -10.35 -2.62
C LEU B 220 12.12 -10.99 -3.68
N ALA B 221 12.71 -10.15 -4.53
CA ALA B 221 13.55 -10.64 -5.61
C ALA B 221 15.02 -10.19 -5.62
N LEU B 222 15.93 -11.15 -5.79
CA LEU B 222 17.37 -10.89 -5.84
C LEU B 222 17.82 -11.07 -7.30
N ASN B 223 18.26 -10.00 -7.93
CA ASN B 223 18.68 -10.05 -9.33
C ASN B 223 20.16 -9.82 -9.59
N TYR B 224 20.76 -10.79 -10.29
CA TYR B 224 22.16 -10.69 -10.67
C TYR B 224 22.12 -10.45 -12.17
N ASP B 225 23.29 -10.30 -12.80
CA ASP B 225 23.35 -10.04 -14.24
C ASP B 225 22.40 -10.93 -15.04
N HIS B 226 22.36 -12.21 -14.70
CA HIS B 226 21.50 -13.15 -15.40
C HIS B 226 20.61 -13.99 -14.49
N TRP B 227 21.22 -14.60 -13.47
CA TRP B 227 20.47 -15.43 -12.54
C TRP B 227 19.76 -14.59 -11.49
N HIS B 228 18.57 -15.05 -11.10
CA HIS B 228 17.79 -14.37 -10.09
C HIS B 228 17.02 -15.35 -9.25
N TYR B 229 16.65 -14.90 -8.06
CA TYR B 229 15.92 -15.72 -7.11
C TYR B 229 14.77 -14.87 -6.58
N SER B 230 13.64 -15.50 -6.33
CA SER B 230 12.48 -14.76 -5.83
C SER B 230 11.69 -15.58 -4.82
N VAL B 231 11.34 -14.97 -3.70
CA VAL B 231 10.52 -15.66 -2.72
C VAL B 231 9.21 -14.90 -2.79
N VAL B 232 8.10 -15.63 -2.92
CA VAL B 232 6.78 -15.02 -3.05
C VAL B 232 5.78 -15.50 -2.02
N ALA B 233 5.14 -14.55 -1.35
CA ALA B 233 4.11 -14.85 -0.35
C ALA B 233 2.82 -14.42 -1.00
N ARG B 234 1.86 -15.32 -1.09
CA ARG B 234 0.59 -14.97 -1.71
C ARG B 234 -0.58 -15.32 -0.80
N TYR B 235 -1.51 -14.37 -0.72
CA TYR B 235 -2.71 -14.52 0.11
C TYR B 235 -3.95 -14.50 -0.78
N TRP B 236 -4.88 -15.40 -0.49
CA TRP B 236 -6.11 -15.49 -1.27
C TRP B 236 -7.31 -15.30 -0.35
N HIS B 237 -8.38 -14.76 -0.90
CA HIS B 237 -9.64 -14.63 -0.18
C HIS B 237 -10.63 -15.20 -1.18
N ASP B 238 -11.08 -16.42 -0.91
CA ASP B 238 -11.99 -17.12 -1.82
C ASP B 238 -11.27 -17.35 -3.15
N GLY B 239 -10.09 -17.94 -3.08
CA GLY B 239 -9.32 -18.21 -4.27
C GLY B 239 -10.14 -18.81 -5.39
N GLY B 240 -9.81 -18.46 -6.63
CA GLY B 240 -10.52 -18.96 -7.78
C GLY B 240 -12.02 -18.83 -7.63
N GLN B 241 -12.46 -17.91 -6.78
CA GLN B 241 -13.87 -17.72 -6.55
C GLN B 241 -14.52 -18.92 -5.92
N TRP B 242 -13.72 -19.66 -5.16
CA TRP B 242 -14.22 -20.81 -4.46
C TRP B 242 -14.56 -20.30 -3.07
N ASN B 243 -15.83 -20.41 -2.70
CA ASN B 243 -16.27 -19.96 -1.40
C ASN B 243 -15.60 -20.74 -0.28
N ASP B 244 -14.72 -20.08 0.46
CA ASP B 244 -13.97 -20.70 1.55
C ASP B 244 -14.86 -21.48 2.51
N ASP B 245 -14.39 -22.68 2.84
CA ASP B 245 -15.05 -23.61 3.75
C ASP B 245 -16.22 -24.37 3.16
N ALA B 246 -16.42 -24.21 1.86
CA ALA B 246 -17.51 -24.93 1.22
C ALA B 246 -17.18 -26.40 1.39
N GLU B 247 -18.16 -27.19 1.86
CA GLU B 247 -17.93 -28.61 2.05
C GLU B 247 -18.39 -29.39 0.82
N LEU B 248 -17.42 -30.00 0.14
CA LEU B 248 -17.65 -30.78 -1.06
C LEU B 248 -17.27 -32.26 -0.88
N ASN B 249 -17.47 -33.05 -1.93
CA ASN B 249 -17.10 -34.45 -1.91
C ASN B 249 -16.92 -34.93 -3.33
N PHE B 250 -15.66 -35.09 -3.73
CA PHE B 250 -15.35 -35.52 -5.08
C PHE B 250 -15.22 -37.04 -5.23
N GLY B 251 -15.81 -37.78 -4.31
CA GLY B 251 -15.76 -39.22 -4.42
C GLY B 251 -14.65 -39.85 -3.62
N ASN B 252 -14.16 -39.14 -2.62
CA ASN B 252 -13.10 -39.66 -1.78
C ASN B 252 -13.39 -39.30 -0.34
N GLY B 253 -14.61 -38.83 -0.10
CA GLY B 253 -15.02 -38.44 1.23
C GLY B 253 -15.23 -36.93 1.27
N ASN B 254 -15.85 -36.45 2.34
CA ASN B 254 -16.11 -35.03 2.47
C ASN B 254 -14.82 -34.31 2.80
N PHE B 255 -14.76 -33.03 2.39
CA PHE B 255 -13.61 -32.19 2.64
C PHE B 255 -14.08 -30.74 2.62
N ASN B 256 -13.25 -29.84 3.11
CA ASN B 256 -13.61 -28.43 3.16
C ASN B 256 -12.64 -27.58 2.36
N VAL B 257 -13.19 -26.67 1.58
CA VAL B 257 -12.39 -25.79 0.76
C VAL B 257 -11.65 -24.79 1.63
N ARG B 258 -10.37 -24.56 1.32
CA ARG B 258 -9.57 -23.62 2.06
C ARG B 258 -9.06 -22.56 1.09
N SER B 259 -10.00 -21.81 0.52
CA SER B 259 -9.69 -20.77 -0.46
C SER B 259 -9.09 -19.49 0.11
N THR B 260 -9.27 -19.27 1.41
CA THR B 260 -8.66 -18.08 2.02
C THR B 260 -7.48 -18.46 2.89
N GLY B 261 -6.39 -17.72 2.74
CA GLY B 261 -5.20 -18.02 3.52
C GLY B 261 -3.95 -17.81 2.69
N TRP B 262 -2.80 -18.19 3.26
CA TRP B 262 -1.54 -18.01 2.56
C TRP B 262 -0.95 -19.23 1.94
N GLY B 263 -0.07 -18.96 0.98
CA GLY B 263 0.65 -19.97 0.25
C GLY B 263 1.84 -19.20 -0.27
N GLY B 264 2.86 -19.92 -0.74
CA GLY B 264 4.03 -19.22 -1.25
C GLY B 264 4.70 -19.87 -2.43
N TYR B 265 5.65 -19.17 -3.01
CA TYR B 265 6.38 -19.67 -4.17
C TYR B 265 7.88 -19.40 -4.04
N LEU B 266 8.67 -20.27 -4.66
CA LEU B 266 10.12 -20.14 -4.72
C LEU B 266 10.47 -20.18 -6.19
N VAL B 267 11.08 -19.11 -6.68
CA VAL B 267 11.42 -19.01 -8.08
C VAL B 267 12.90 -18.76 -8.35
N VAL B 268 13.48 -19.60 -9.19
CA VAL B 268 14.87 -19.45 -9.60
C VAL B 268 14.86 -19.46 -11.11
N GLY B 269 15.49 -18.47 -11.71
CA GLY B 269 15.51 -18.38 -13.16
C GLY B 269 16.75 -17.73 -13.73
N TYR B 270 16.72 -17.50 -15.04
CA TYR B 270 17.83 -16.90 -15.74
C TYR B 270 17.29 -15.98 -16.83
N ASN B 271 17.71 -14.72 -16.80
CA ASN B 271 17.28 -13.76 -17.79
C ASN B 271 18.25 -13.76 -18.96
N PHE B 272 17.79 -14.24 -20.11
CA PHE B 272 18.61 -14.30 -21.32
C PHE B 272 18.84 -12.90 -21.86
N1 URI C . 7.40 15.33 14.16
C2 URI C . 7.64 16.52 13.54
N3 URI C . 6.66 16.93 12.65
C4 URI C . 5.49 16.24 12.37
C5 URI C . 5.33 14.99 13.09
C6 URI C . 6.27 14.59 13.93
O2 URI C . 8.67 17.17 13.77
O4 URI C . 4.74 16.63 11.47
C1' URI C . 8.40 14.96 15.13
C2' URI C . 7.99 15.63 16.44
C3' URI C . 7.35 14.46 17.20
C4' URI C . 8.13 13.26 16.72
O2' URI C . 9.18 16.16 16.95
O3' URI C . 7.60 14.58 18.61
O4' URI C . 8.41 13.55 15.32
C5' URI C . 7.31 11.98 16.79
O5' URI C . 6.57 11.82 15.55
N1 URI D . -2.99 -19.28 -11.39
C2 URI D . -4.37 -19.37 -11.58
N3 URI D . -4.99 -18.21 -12.02
C4 URI D . -4.35 -17.00 -12.28
C5 URI D . -2.91 -17.00 -12.05
C6 URI D . -2.30 -18.13 -11.63
O2 URI D . -4.99 -20.41 -11.34
O4 URI D . -4.99 -16.05 -12.73
C1' URI D . -2.34 -20.50 -10.95
C2' URI D . -1.90 -21.22 -12.22
C3' URI D . -0.60 -20.46 -12.50
C4' URI D . 0.03 -20.45 -11.11
O2' URI D . -1.62 -22.57 -11.84
O3' URI D . 0.26 -21.18 -13.37
O4' URI D . -1.13 -20.16 -10.24
C5' URI D . 1.03 -19.32 -10.97
O5' URI D . 0.46 -18.14 -11.56
#